data_7Y0O
#
_entry.id   7Y0O
#
_cell.length_a   1.00
_cell.length_b   1.00
_cell.length_c   1.00
_cell.angle_alpha   90.00
_cell.angle_beta   90.00
_cell.angle_gamma   90.00
#
_symmetry.space_group_name_H-M   'P 1'
#
loop_
_entity.id
_entity.type
_entity.pdbx_description
1 polymer 'Spike protein S1'
2 polymer 'heavy chain of R15'
3 polymer 'light chain of R15'
4 polymer 'P14 nanobody'
5 water water
#
loop_
_entity_poly.entity_id
_entity_poly.type
_entity_poly.pdbx_seq_one_letter_code
_entity_poly.pdbx_strand_id
1 'polypeptide(L)'
;NLCPFGEVFNATRFASVYAWNRKRISNCVADYSVLYNSASFSTFKCYGVSPTKLNDLCFTNVYADSFVIRGDEVRQIAPG
QTGKIADYNYKLPDDFTGCVIAWNSNNLDSKVGGNYNYLYRLFRKSNLKPFERDISTEIYQAGSTPCNGVEGFNCYFPLQ
SYGFQPTNGVGYQPYRVVVLSFELLHAPATVCGP
;
A
2 'polypeptide(L)'
;QMQLVQSGAEVKKPGASVKVSCKASGYTFTSYAISWVRQAPGQGLEWMGRIIPILGIANYAQKFQGRVTITADESTSTAY
MELSSRSEDTAVYYCASGAFYYGSGSYPFDYWGQGT
;
H
3 'polypeptide(L)'
;GDIQLTQSPSSLSASVGDRVTITCRASQDISDYLNWYQQKPGKAPKLLIYAASSLQSGVPSRFSGSGSGTDFTLTISNLQ
PEDFATYYCQQSYSAPRTFGQGTKVEIK
;
L
4 'polypeptide(L)'
;EEQLVESGGGLVQPGGSLRLSCAASGFRFGSYYMSWVRQAPGKAPEWVSDINTRGETTRYSDSVKGRFTIARDNANNTVF
LFMNRLKPEDTAVYYCAVAASGDTFEGRSDPDYWGQGTLVTVS
;
B
#
# COMPACT_ATOMS: atom_id res chain seq x y z
N ASN A 1 0.12 3.90 42.49
CA ASN A 1 -0.01 3.70 41.04
C ASN A 1 0.48 2.32 40.60
N LEU A 2 -0.12 1.84 39.52
CA LEU A 2 0.39 0.70 38.77
C LEU A 2 0.34 1.06 37.29
N CYS A 3 1.45 0.84 36.60
CA CYS A 3 1.69 1.53 35.34
C CYS A 3 0.94 0.84 34.22
N PRO A 4 0.02 1.51 33.54
CA PRO A 4 -0.88 0.82 32.60
C PRO A 4 -0.25 0.46 31.26
N PHE A 5 0.44 -0.68 31.21
CA PHE A 5 0.81 -1.26 29.94
C PHE A 5 -0.30 -2.13 29.35
N GLY A 6 -1.27 -2.51 30.17
CA GLY A 6 -2.43 -3.22 29.65
C GLY A 6 -3.30 -2.34 28.77
N GLU A 7 -3.43 -1.06 29.12
CA GLU A 7 -4.14 -0.11 28.28
C GLU A 7 -3.25 0.48 27.20
N VAL A 8 -2.06 -0.08 27.00
CA VAL A 8 -1.23 0.20 25.84
C VAL A 8 -1.34 -0.97 24.88
N PHE A 9 -0.97 -2.17 25.35
CA PHE A 9 -0.82 -3.31 24.48
C PHE A 9 -2.16 -3.92 24.09
N ASN A 10 -3.11 -3.97 25.01
CA ASN A 10 -4.41 -4.57 24.71
C ASN A 10 -5.37 -3.59 24.06
N ALA A 11 -4.87 -2.51 23.47
CA ALA A 11 -5.65 -1.66 22.60
C ALA A 11 -5.94 -2.41 21.29
N THR A 12 -6.96 -1.96 20.58
CA THR A 12 -7.45 -2.67 19.41
C THR A 12 -7.03 -2.06 18.08
N ARG A 13 -6.90 -0.74 17.97
CA ARG A 13 -6.61 -0.09 16.70
C ARG A 13 -5.27 0.64 16.80
N PHE A 14 -4.45 0.49 15.78
CA PHE A 14 -3.12 1.08 15.74
C PHE A 14 -3.03 2.07 14.59
N ALA A 15 -2.13 3.05 14.74
CA ALA A 15 -1.94 4.09 13.75
C ALA A 15 -1.10 3.56 12.58
N SER A 16 -0.80 4.45 11.65
CA SER A 16 0.04 4.13 10.51
C SER A 16 1.31 4.98 10.55
N VAL A 17 2.31 4.54 9.81
CA VAL A 17 3.66 5.07 9.99
C VAL A 17 3.78 6.52 9.53
N TYR A 18 2.85 7.00 8.69
CA TYR A 18 2.87 8.42 8.37
C TYR A 18 2.27 9.24 9.51
N ALA A 19 1.41 8.62 10.32
CA ALA A 19 0.69 9.32 11.39
C ALA A 19 0.86 8.55 12.70
N TRP A 20 2.09 8.14 12.95
CA TRP A 20 2.48 7.55 14.23
C TRP A 20 2.22 8.49 15.41
N ASN A 21 1.98 7.88 16.56
CA ASN A 21 1.47 8.50 17.77
C ASN A 21 2.56 8.62 18.83
N ARG A 22 2.24 9.35 19.90
CA ARG A 22 2.98 9.47 21.15
C ARG A 22 2.02 9.32 22.32
N LYS A 23 2.58 8.96 23.47
CA LYS A 23 1.89 9.08 24.76
C LYS A 23 2.93 9.04 25.87
N ARG A 24 2.81 9.96 26.82
CA ARG A 24 3.73 10.07 27.95
C ARG A 24 3.11 9.50 29.20
N ILE A 25 3.89 8.71 29.94
CA ILE A 25 3.43 8.05 31.16
C ILE A 25 4.33 8.49 32.31
N SER A 26 3.71 8.93 33.40
CA SER A 26 4.48 9.45 34.52
C SER A 26 3.87 8.98 35.84
N ASN A 27 4.70 9.04 36.89
CA ASN A 27 4.31 8.73 38.26
C ASN A 27 3.80 7.31 38.43
N CYS A 28 4.44 6.37 37.74
CA CYS A 28 4.04 4.97 37.83
C CYS A 28 5.24 4.10 38.24
N VAL A 29 5.06 2.78 38.20
CA VAL A 29 6.08 1.85 38.68
C VAL A 29 6.60 1.03 37.51
N ALA A 30 7.65 0.23 37.78
CA ALA A 30 8.29 -0.62 36.79
C ALA A 30 8.00 -2.07 37.13
N ASP A 31 7.40 -2.79 36.18
CA ASP A 31 7.10 -4.20 36.33
C ASP A 31 7.35 -4.95 35.03
N TYR A 32 8.51 -4.70 34.41
CA TYR A 32 8.82 -5.21 33.07
C TYR A 32 9.02 -6.73 33.03
N SER A 33 8.96 -7.41 34.16
CA SER A 33 9.19 -8.85 34.20
C SER A 33 8.15 -9.62 33.38
N VAL A 34 6.88 -9.22 33.50
CA VAL A 34 5.83 -9.89 32.74
C VAL A 34 5.98 -9.62 31.25
N LEU A 35 6.45 -8.42 30.87
CA LEU A 35 6.71 -8.13 29.46
C LEU A 35 7.84 -9.00 28.92
N TYR A 36 8.90 -9.19 29.73
CA TYR A 36 10.00 -10.06 29.32
C TYR A 36 9.54 -11.51 29.22
N ASN A 37 8.92 -12.03 30.26
CA ASN A 37 8.73 -13.46 30.44
C ASN A 37 7.37 -13.97 29.96
N SER A 38 6.53 -13.10 29.41
CA SER A 38 5.26 -13.58 28.87
C SER A 38 5.47 -14.38 27.59
N ALA A 39 6.55 -14.08 26.86
CA ALA A 39 6.99 -14.78 25.65
C ALA A 39 5.95 -14.76 24.53
N SER A 40 4.99 -13.84 24.61
CA SER A 40 4.07 -13.61 23.51
C SER A 40 4.59 -12.57 22.53
N PHE A 41 5.68 -11.89 22.86
CA PHE A 41 6.31 -10.92 21.98
C PHE A 41 7.61 -11.54 21.48
N SER A 42 7.76 -11.62 20.16
CA SER A 42 8.91 -12.30 19.58
C SER A 42 10.18 -11.49 19.73
N THR A 43 10.08 -10.17 19.68
CA THR A 43 11.24 -9.29 19.59
C THR A 43 11.39 -8.51 20.88
N PHE A 44 12.63 -8.42 21.37
CA PHE A 44 12.98 -7.47 22.42
C PHE A 44 14.42 -7.05 22.14
N LYS A 45 14.58 -6.01 21.33
CA LYS A 45 15.88 -5.53 20.89
C LYS A 45 16.09 -4.12 21.40
N CYS A 46 17.29 -3.85 21.93
CA CYS A 46 17.76 -2.54 22.38
C CYS A 46 19.17 -2.62 22.94
N TYR A 47 19.69 -1.43 23.28
CA TYR A 47 21.12 -1.16 23.35
C TYR A 47 21.44 -0.49 24.67
N GLY A 48 22.73 -0.48 25.02
CA GLY A 48 23.15 0.29 26.16
C GLY A 48 23.03 -0.49 27.45
N VAL A 49 21.92 -0.28 28.15
CA VAL A 49 21.61 -1.01 29.37
C VAL A 49 20.97 -2.35 29.01
N SER A 50 21.09 -3.31 29.92
CA SER A 50 20.65 -4.70 29.99
C SER A 50 19.34 -4.79 30.75
N PRO A 51 18.39 -5.61 30.25
CA PRO A 51 17.04 -5.66 30.86
C PRO A 51 17.02 -6.18 32.29
N THR A 52 18.06 -6.86 32.76
CA THR A 52 18.08 -7.39 34.11
C THR A 52 18.21 -6.33 35.19
N LYS A 53 18.33 -5.05 34.83
CA LYS A 53 18.51 -3.98 35.81
C LYS A 53 17.56 -2.82 35.61
N LEU A 54 16.50 -2.98 34.82
CA LEU A 54 15.52 -1.91 34.64
C LEU A 54 14.36 -1.96 35.63
N ASN A 55 14.36 -2.91 36.55
CA ASN A 55 13.31 -2.96 37.56
C ASN A 55 13.65 -2.11 38.78
N ASP A 56 14.83 -1.49 38.80
CA ASP A 56 15.16 -0.51 39.81
C ASP A 56 15.66 0.79 39.17
N LEU A 57 16.39 0.67 38.07
CA LEU A 57 16.90 1.86 37.39
C LEU A 57 15.75 2.62 36.72
N CYS A 58 15.67 3.92 36.97
CA CYS A 58 14.51 4.68 36.55
C CYS A 58 14.85 6.14 36.31
N PHE A 59 13.92 6.82 35.65
CA PHE A 59 14.10 8.17 35.13
C PHE A 59 12.91 9.00 35.58
N THR A 60 12.79 10.21 35.03
CA THR A 60 11.76 11.13 35.47
C THR A 60 10.49 11.08 34.66
N ASN A 61 10.55 10.70 33.37
CA ASN A 61 9.36 10.60 32.53
C ASN A 61 9.66 9.72 31.33
N VAL A 62 8.75 8.81 31.01
CA VAL A 62 8.93 7.87 29.91
C VAL A 62 7.89 8.14 28.84
N TYR A 63 8.16 7.62 27.64
CA TYR A 63 7.35 7.90 26.46
C TYR A 63 7.11 6.59 25.70
N ALA A 64 6.07 6.60 24.87
CA ALA A 64 5.67 5.39 24.16
C ALA A 64 4.92 5.72 22.88
N ASP A 65 5.13 4.89 21.86
CA ASP A 65 4.48 5.02 20.55
C ASP A 65 4.01 3.64 20.10
N SER A 66 2.88 3.61 19.40
CA SER A 66 2.25 2.34 19.04
C SER A 66 1.71 2.42 17.62
N PHE A 67 2.31 1.65 16.71
CA PHE A 67 1.94 1.62 15.30
C PHE A 67 2.65 0.44 14.64
N VAL A 68 2.19 0.10 13.43
CA VAL A 68 2.50 -1.16 12.76
C VAL A 68 3.47 -0.91 11.60
N ILE A 69 4.47 -1.79 11.48
CA ILE A 69 5.53 -1.65 10.48
C ILE A 69 5.74 -3.00 9.80
N ARG A 70 6.09 -2.93 8.51
CA ARG A 70 6.55 -4.09 7.73
C ARG A 70 7.66 -4.85 8.44
N GLY A 71 7.53 -6.17 8.47
CA GLY A 71 8.48 -7.03 9.15
C GLY A 71 9.74 -7.34 8.41
N ASP A 72 9.80 -7.04 7.11
CA ASP A 72 11.01 -7.27 6.33
C ASP A 72 12.02 -6.14 6.49
N GLU A 73 11.68 -5.09 7.23
CA GLU A 73 12.52 -3.93 7.41
C GLU A 73 12.56 -3.53 8.89
N VAL A 74 12.74 -4.51 9.76
CA VAL A 74 12.77 -4.23 11.20
C VAL A 74 14.10 -3.65 11.65
N ARG A 75 15.17 -3.83 10.87
CA ARG A 75 16.43 -3.18 11.19
C ARG A 75 16.38 -1.68 10.99
N GLN A 76 15.37 -1.16 10.28
CA GLN A 76 15.28 0.26 10.00
C GLN A 76 14.91 1.09 11.22
N ILE A 77 14.55 0.46 12.33
CA ILE A 77 14.48 1.17 13.62
C ILE A 77 15.80 0.94 14.35
N ALA A 78 16.69 1.91 14.20
CA ALA A 78 18.00 1.89 14.84
C ALA A 78 18.51 3.32 14.90
N PRO A 79 19.40 3.64 15.82
CA PRO A 79 20.08 4.94 15.75
C PRO A 79 21.10 4.95 14.62
N GLY A 80 20.77 5.63 13.53
CA GLY A 80 21.63 5.66 12.37
C GLY A 80 21.59 4.43 11.49
N GLN A 81 20.42 4.15 10.89
CA GLN A 81 20.29 3.10 9.90
C GLN A 81 19.64 3.67 8.64
N THR A 82 20.14 3.25 7.49
CA THR A 82 19.64 3.69 6.20
C THR A 82 18.29 3.03 5.88
N GLY A 83 17.61 3.57 4.89
CA GLY A 83 16.36 3.03 4.42
C GLY A 83 15.40 4.13 4.02
N LYS A 84 14.13 3.77 3.90
CA LYS A 84 13.06 4.69 3.53
C LYS A 84 12.05 4.90 4.63
N ILE A 85 11.66 3.84 5.34
CA ILE A 85 10.91 4.04 6.58
C ILE A 85 11.86 4.47 7.70
N ALA A 86 13.17 4.28 7.50
CA ALA A 86 14.19 4.94 8.29
C ALA A 86 14.58 6.29 7.71
N ASP A 87 13.76 6.85 6.83
CA ASP A 87 14.00 8.16 6.24
C ASP A 87 12.85 9.13 6.46
N TYR A 88 11.61 8.68 6.33
CA TYR A 88 10.46 9.58 6.29
C TYR A 88 9.36 9.26 7.28
N ASN A 89 9.50 8.21 8.10
CA ASN A 89 8.42 7.83 9.01
C ASN A 89 8.79 8.00 10.48
N TYR A 90 9.86 7.36 10.96
CA TYR A 90 10.22 7.41 12.37
C TYR A 90 11.72 7.36 12.52
N LYS A 91 12.28 8.38 13.17
CA LYS A 91 13.71 8.49 13.41
C LYS A 91 13.99 8.24 14.88
N LEU A 92 15.24 7.92 15.20
CA LEU A 92 15.65 7.67 16.58
C LEU A 92 16.90 8.47 16.88
N PRO A 93 17.04 8.97 18.11
CA PRO A 93 18.28 9.65 18.50
C PRO A 93 19.48 8.73 18.45
N ASP A 94 20.65 9.33 18.14
CA ASP A 94 21.86 8.55 17.89
C ASP A 94 22.36 7.84 19.14
N ASP A 95 22.37 8.54 20.28
CA ASP A 95 22.77 7.94 21.56
C ASP A 95 21.49 7.45 22.23
N PHE A 96 21.17 6.18 22.01
CA PHE A 96 19.85 5.65 22.29
C PHE A 96 19.81 4.98 23.65
N THR A 97 18.75 5.25 24.40
CA THR A 97 18.61 4.72 25.76
C THR A 97 17.38 3.83 25.92
N GLY A 98 16.28 4.15 25.23
CA GLY A 98 15.04 3.39 25.36
C GLY A 98 15.07 2.01 24.74
N CYS A 99 13.91 1.42 24.41
CA CYS A 99 13.97 0.05 23.94
C CYS A 99 12.76 -0.26 23.07
N VAL A 100 12.94 -1.10 22.05
CA VAL A 100 11.90 -1.39 21.06
C VAL A 100 11.46 -2.86 21.20
N ILE A 101 10.15 -3.07 21.17
CA ILE A 101 9.51 -4.38 21.31
C ILE A 101 8.57 -4.60 20.12
N ALA A 102 8.62 -5.79 19.52
CA ALA A 102 7.76 -6.11 18.39
C ALA A 102 7.33 -7.57 18.46
N TRP A 103 6.33 -7.90 17.64
CA TRP A 103 5.81 -9.26 17.53
C TRP A 103 4.96 -9.35 16.27
N ASN A 104 4.56 -10.57 15.93
CA ASN A 104 3.68 -10.80 14.79
C ASN A 104 2.26 -11.08 15.28
N SER A 105 1.28 -10.46 14.62
CA SER A 105 -0.11 -10.58 15.04
C SER A 105 -1.04 -10.75 13.85
N ASN A 106 -0.63 -11.57 12.87
CA ASN A 106 -1.40 -11.66 11.63
C ASN A 106 -2.61 -12.56 11.77
N ASN A 107 -3.48 -12.26 12.70
CA ASN A 107 -4.75 -12.97 12.87
C ASN A 107 -5.94 -12.01 12.92
N LEU A 108 -5.77 -10.84 13.53
CA LEU A 108 -6.82 -9.83 13.61
C LEU A 108 -6.83 -8.93 12.38
N ASP A 109 -5.65 -8.60 11.87
CA ASP A 109 -5.49 -7.78 10.67
C ASP A 109 -4.95 -8.61 9.52
N SER A 110 -5.42 -9.85 9.43
CA SER A 110 -5.13 -10.79 8.36
C SER A 110 -6.24 -10.77 7.32
N LYS A 111 -6.75 -9.58 7.02
CA LYS A 111 -7.96 -9.39 6.23
C LYS A 111 -7.76 -9.82 4.78
N VAL A 112 -8.81 -9.63 3.98
CA VAL A 112 -8.83 -10.08 2.59
C VAL A 112 -7.70 -9.41 1.82
N GLY A 113 -6.97 -10.22 1.05
CA GLY A 113 -5.73 -9.83 0.40
C GLY A 113 -5.79 -8.58 -0.46
N GLY A 114 -4.74 -7.78 -0.40
CA GLY A 114 -4.75 -6.50 -1.08
C GLY A 114 -5.34 -5.36 -0.28
N ASN A 115 -5.78 -5.61 0.96
CA ASN A 115 -6.27 -4.55 1.81
C ASN A 115 -5.12 -3.63 2.19
N TYR A 116 -5.37 -2.33 2.07
CA TYR A 116 -4.30 -1.34 2.14
C TYR A 116 -4.73 -0.16 3.01
N ASN A 117 -5.23 -0.49 4.21
CA ASN A 117 -5.68 0.55 5.14
C ASN A 117 -4.54 1.33 5.77
N TYR A 118 -3.32 0.77 5.79
CA TYR A 118 -2.17 1.45 6.37
C TYR A 118 -1.22 1.89 5.27
N LEU A 119 -0.76 3.14 5.35
CA LEU A 119 -0.03 3.79 4.27
C LEU A 119 1.38 4.12 4.73
N TYR A 120 2.18 4.65 3.80
CA TYR A 120 3.52 5.15 4.12
C TYR A 120 3.96 6.13 3.05
N ARG A 121 4.57 7.23 3.49
CA ARG A 121 5.03 8.27 2.57
C ARG A 121 6.39 7.91 1.99
N LEU A 122 6.52 8.08 0.67
CA LEU A 122 7.74 7.71 -0.04
C LEU A 122 8.66 8.88 -0.32
N PHE A 123 8.13 10.09 -0.48
CA PHE A 123 8.91 11.22 -0.97
C PHE A 123 8.68 12.42 -0.05
N ARG A 124 9.77 13.00 0.44
CA ARG A 124 9.74 14.14 1.33
C ARG A 124 11.08 14.87 1.19
N LYS A 125 11.04 16.20 1.33
CA LYS A 125 12.22 17.05 1.20
C LYS A 125 13.33 16.68 2.18
N SER A 126 14.47 16.28 1.62
CA SER A 126 15.73 16.03 2.33
C SER A 126 15.63 14.95 3.40
N ASN A 127 15.79 15.33 4.66
CA ASN A 127 16.02 14.42 5.76
C ASN A 127 14.98 14.61 6.86
N LEU A 128 15.09 13.79 7.90
CA LEU A 128 14.21 13.78 9.05
C LEU A 128 15.00 14.13 10.30
N LYS A 129 14.27 14.51 11.34
CA LYS A 129 14.77 14.66 12.70
C LYS A 129 13.92 13.80 13.60
N PRO A 130 14.46 13.34 14.74
CA PRO A 130 13.62 12.63 15.70
C PRO A 130 12.60 13.56 16.34
N PHE A 131 11.51 12.96 16.81
CA PHE A 131 10.50 13.59 17.66
C PHE A 131 9.74 14.71 16.93
N GLU A 132 9.38 14.44 15.67
CA GLU A 132 8.37 15.23 14.97
C GLU A 132 7.81 14.39 13.83
N ARG A 133 6.55 14.64 13.50
CA ARG A 133 5.80 13.88 12.52
C ARG A 133 5.73 14.65 11.20
N ASP A 134 4.90 14.14 10.28
CA ASP A 134 4.56 14.88 9.07
C ASP A 134 3.07 14.74 8.83
N ILE A 135 2.32 15.79 9.14
CA ILE A 135 0.89 15.85 8.79
C ILE A 135 0.68 16.54 7.45
N SER A 136 1.77 16.91 6.76
CA SER A 136 1.67 17.55 5.45
C SER A 136 1.32 16.48 4.43
N THR A 137 0.02 16.26 4.24
CA THR A 137 -0.48 15.37 3.21
C THR A 137 -0.56 16.06 1.85
N GLU A 138 -0.04 17.27 1.76
CA GLU A 138 -0.03 18.00 0.50
C GLU A 138 0.87 17.30 -0.50
N ILE A 139 0.56 17.52 -1.78
CA ILE A 139 1.32 16.90 -2.87
C ILE A 139 2.68 17.56 -2.95
N TYR A 140 3.73 16.74 -2.93
CA TYR A 140 5.08 17.25 -2.74
C TYR A 140 5.61 17.82 -4.05
N GLN A 141 6.72 18.55 -3.96
CA GLN A 141 7.29 19.26 -5.11
C GLN A 141 8.35 18.38 -5.76
N ALA A 142 7.92 17.56 -6.70
CA ALA A 142 8.80 17.02 -7.73
C ALA A 142 8.82 17.89 -8.97
N GLY A 143 8.03 18.97 -8.97
CA GLY A 143 7.85 19.84 -10.13
C GLY A 143 8.89 20.91 -10.31
N SER A 144 10.07 20.55 -10.84
CA SER A 144 11.00 21.56 -11.33
C SER A 144 10.35 22.43 -12.39
N THR A 145 9.61 21.80 -13.28
CA THR A 145 8.57 22.47 -14.05
C THR A 145 7.25 22.34 -13.30
N PRO A 146 6.63 23.45 -12.88
CA PRO A 146 5.45 23.35 -12.00
C PRO A 146 4.23 22.82 -12.74
N CYS A 147 3.87 21.56 -12.46
CA CYS A 147 2.79 20.89 -13.18
C CYS A 147 1.44 21.55 -12.98
N ASN A 148 0.87 21.42 -11.78
CA ASN A 148 -0.37 22.11 -11.45
C ASN A 148 -0.38 22.77 -10.08
N GLY A 149 0.30 22.21 -9.08
CA GLY A 149 -0.07 22.35 -7.69
C GLY A 149 -1.06 21.28 -7.27
N VAL A 150 -1.84 20.77 -8.21
CA VAL A 150 -2.66 19.60 -8.02
C VAL A 150 -1.90 18.45 -8.67
N GLU A 151 -2.26 17.21 -8.33
CA GLU A 151 -1.55 16.02 -8.79
C GLU A 151 -1.57 15.88 -10.31
N GLY A 152 -0.40 15.60 -10.88
CA GLY A 152 -0.25 15.36 -12.31
C GLY A 152 0.96 14.52 -12.56
N PHE A 153 1.73 14.85 -13.60
CA PHE A 153 3.04 14.27 -13.80
C PHE A 153 4.08 15.39 -13.87
N ASN A 154 5.35 14.97 -13.86
CA ASN A 154 6.52 15.73 -13.38
C ASN A 154 6.37 16.07 -11.90
N CYS A 155 5.51 15.33 -11.21
CA CYS A 155 5.10 15.54 -9.83
C CYS A 155 4.28 14.33 -9.42
N TYR A 156 4.38 13.93 -8.15
CA TYR A 156 3.81 12.67 -7.71
C TYR A 156 3.00 12.87 -6.45
N PHE A 157 2.14 11.89 -6.15
CA PHE A 157 1.38 11.87 -4.91
C PHE A 157 2.05 10.81 -4.04
N PRO A 158 2.80 11.19 -3.01
CA PRO A 158 3.76 10.26 -2.40
C PRO A 158 3.19 9.29 -1.38
N LEU A 159 1.88 9.24 -1.17
CA LEU A 159 1.30 8.47 -0.08
C LEU A 159 0.81 7.12 -0.60
N GLN A 160 1.71 6.14 -0.63
CA GLN A 160 1.39 4.78 -1.04
C GLN A 160 1.10 3.93 0.20
N SER A 161 0.45 2.79 -0.02
CA SER A 161 -0.04 2.00 1.09
C SER A 161 0.59 0.60 1.10
N TYR A 162 0.17 -0.20 2.07
CA TYR A 162 0.68 -1.53 2.34
C TYR A 162 -0.18 -2.57 1.63
N GLY A 163 0.00 -3.84 2.01
CA GLY A 163 -0.84 -4.92 1.51
C GLY A 163 -0.80 -6.12 2.43
N PHE A 164 -1.97 -6.64 2.82
CA PHE A 164 -2.06 -7.67 3.85
C PHE A 164 -2.88 -8.85 3.32
N GLN A 165 -2.20 -9.79 2.68
CA GLN A 165 -2.76 -11.04 2.20
C GLN A 165 -2.49 -12.13 3.22
N PRO A 166 -3.47 -12.99 3.56
CA PRO A 166 -3.24 -14.03 4.55
C PRO A 166 -2.31 -15.15 4.08
N THR A 167 -1.87 -15.10 2.82
CA THR A 167 -0.89 -16.04 2.30
C THR A 167 0.25 -15.30 1.58
N ASN A 168 0.62 -14.14 2.10
CA ASN A 168 1.75 -13.37 1.57
C ASN A 168 3.06 -14.10 1.84
N GLY A 169 4.15 -13.58 1.28
CA GLY A 169 5.41 -14.32 1.39
C GLY A 169 6.05 -14.36 2.76
N VAL A 170 6.78 -13.31 3.18
CA VAL A 170 7.29 -13.32 4.54
C VAL A 170 7.31 -11.92 5.16
N GLY A 171 7.31 -10.89 4.33
CA GLY A 171 7.69 -9.59 4.83
C GLY A 171 6.58 -8.59 4.99
N TYR A 172 5.34 -9.02 4.81
CA TYR A 172 4.22 -8.10 4.70
C TYR A 172 3.15 -8.35 5.75
N GLN A 173 3.38 -9.26 6.67
CA GLN A 173 2.48 -9.44 7.80
C GLN A 173 2.55 -8.20 8.69
N PRO A 174 1.45 -7.84 9.37
CA PRO A 174 1.45 -6.61 10.15
C PRO A 174 2.04 -6.76 11.54
N TYR A 175 3.37 -6.65 11.64
CA TYR A 175 4.02 -6.67 12.93
C TYR A 175 3.82 -5.34 13.65
N ARG A 176 3.17 -5.40 14.81
CA ARG A 176 3.03 -4.22 15.66
C ARG A 176 4.35 -3.95 16.38
N VAL A 177 4.67 -2.67 16.56
CA VAL A 177 5.94 -2.24 17.12
C VAL A 177 5.70 -1.14 18.16
N VAL A 178 6.30 -1.30 19.34
CA VAL A 178 6.29 -0.27 20.37
C VAL A 178 7.73 0.09 20.75
N VAL A 179 7.93 1.34 21.16
CA VAL A 179 9.22 1.83 21.64
C VAL A 179 8.98 2.54 22.97
N LEU A 180 9.78 2.21 23.98
CA LEU A 180 9.66 2.81 25.31
C LEU A 180 10.95 3.59 25.58
N SER A 181 10.96 4.86 25.17
CA SER A 181 12.16 5.68 25.23
C SER A 181 12.42 6.22 26.65
N PHE A 182 13.65 6.09 27.11
CA PHE A 182 14.08 6.63 28.39
C PHE A 182 14.80 7.95 28.17
N GLU A 183 14.44 8.96 28.97
CA GLU A 183 15.10 10.26 28.90
C GLU A 183 15.18 10.84 30.30
N LEU A 184 16.22 11.65 30.52
CA LEU A 184 16.57 12.18 31.83
C LEU A 184 16.58 13.71 31.77
N LEU A 185 15.89 14.34 32.71
CA LEU A 185 15.76 15.79 32.80
C LEU A 185 16.36 16.27 34.12
N HIS A 186 16.18 17.57 34.42
CA HIS A 186 16.60 18.09 35.72
C HIS A 186 15.77 17.54 36.86
N ALA A 187 14.51 17.18 36.60
CA ALA A 187 13.62 16.73 37.64
C ALA A 187 14.08 15.40 38.23
N PRO A 188 13.77 15.13 39.49
CA PRO A 188 14.09 13.83 40.07
C PRO A 188 13.31 12.70 39.41
N ALA A 189 13.85 11.50 39.47
CA ALA A 189 13.24 10.35 38.85
C ALA A 189 11.90 10.02 39.52
N THR A 190 10.95 9.53 38.72
CA THR A 190 9.60 9.28 39.22
C THR A 190 9.11 7.89 38.87
N VAL A 191 9.54 7.33 37.75
CA VAL A 191 8.88 6.14 37.20
C VAL A 191 9.69 4.86 37.37
N CYS A 192 9.51 4.20 38.51
CA CYS A 192 10.10 2.90 38.79
C CYS A 192 9.36 2.27 39.97
N GLY A 193 9.59 0.97 40.15
CA GLY A 193 8.91 0.21 41.16
C GLY A 193 9.80 -0.19 42.31
N PRO A 194 10.03 -1.51 42.46
CA PRO A 194 10.80 -2.07 43.58
C PRO A 194 12.27 -2.27 43.24
N GLN B 1 -22.90 -5.99 -9.19
CA GLN B 1 -22.20 -6.01 -7.91
C GLN B 1 -22.02 -4.59 -7.37
N MET B 2 -21.87 -3.62 -8.28
CA MET B 2 -21.78 -2.22 -7.89
C MET B 2 -22.64 -1.41 -8.83
N GLN B 3 -23.31 -0.41 -8.29
CA GLN B 3 -24.05 0.58 -9.06
C GLN B 3 -24.32 1.78 -8.19
N LEU B 4 -24.68 2.88 -8.83
CA LEU B 4 -25.07 4.10 -8.15
C LEU B 4 -26.47 4.47 -8.61
N VAL B 5 -27.31 4.92 -7.66
CA VAL B 5 -28.72 5.11 -7.96
C VAL B 5 -28.92 6.32 -8.87
N GLN B 6 -30.00 6.30 -9.63
CA GLN B 6 -30.33 7.37 -10.56
C GLN B 6 -31.34 8.29 -9.88
N SER B 7 -30.92 9.53 -9.62
CA SER B 7 -31.82 10.52 -9.03
C SER B 7 -32.88 10.92 -10.06
N GLY B 8 -34.08 11.20 -9.56
CA GLY B 8 -35.16 11.57 -10.45
C GLY B 8 -34.94 12.90 -11.12
N ALA B 9 -35.58 13.07 -12.27
CA ALA B 9 -35.48 14.33 -12.99
C ALA B 9 -36.25 15.42 -12.26
N GLU B 10 -35.66 16.61 -12.22
CA GLU B 10 -36.31 17.76 -11.60
C GLU B 10 -35.93 19.02 -12.35
N VAL B 11 -36.79 20.02 -12.26
CA VAL B 11 -36.54 21.34 -12.85
C VAL B 11 -36.30 22.30 -11.72
N LYS B 12 -35.08 22.81 -11.63
CA LYS B 12 -34.68 23.70 -10.55
C LYS B 12 -34.60 25.12 -11.09
N LYS B 13 -35.15 26.07 -10.33
CA LYS B 13 -35.01 27.47 -10.66
C LYS B 13 -33.57 27.91 -10.36
N PRO B 14 -33.11 29.00 -10.98
CA PRO B 14 -31.75 29.49 -10.70
C PRO B 14 -31.57 29.86 -9.23
N GLY B 15 -30.41 29.51 -8.68
CA GLY B 15 -30.10 29.75 -7.30
C GLY B 15 -30.51 28.65 -6.34
N ALA B 16 -31.24 27.64 -6.81
CA ALA B 16 -31.74 26.59 -5.93
C ALA B 16 -30.66 25.53 -5.70
N SER B 17 -30.76 24.85 -4.56
CA SER B 17 -29.81 23.82 -4.20
C SER B 17 -30.13 22.52 -4.91
N VAL B 18 -29.10 21.70 -5.13
CA VAL B 18 -29.21 20.44 -5.83
C VAL B 18 -28.56 19.35 -4.99
N LYS B 19 -29.29 18.26 -4.75
CA LYS B 19 -28.76 17.10 -4.05
C LYS B 19 -28.74 15.91 -5.00
N VAL B 20 -27.63 15.17 -4.97
CA VAL B 20 -27.41 14.03 -5.86
C VAL B 20 -26.86 12.88 -5.02
N SER B 21 -27.08 11.66 -5.51
CA SER B 21 -26.60 10.45 -4.84
C SER B 21 -25.76 9.62 -5.80
N CYS B 22 -24.64 9.11 -5.30
CA CYS B 22 -23.74 8.24 -6.05
C CYS B 22 -23.31 7.11 -5.13
N LYS B 23 -24.07 6.01 -5.14
CA LYS B 23 -23.78 4.89 -4.26
C LYS B 23 -22.49 4.20 -4.69
N ALA B 24 -21.66 3.84 -3.70
CA ALA B 24 -20.40 3.15 -3.92
C ALA B 24 -20.42 1.85 -3.12
N SER B 25 -20.99 0.81 -3.71
CA SER B 25 -21.09 -0.49 -3.06
C SER B 25 -20.23 -1.51 -3.82
N GLY B 26 -20.27 -2.76 -3.34
CA GLY B 26 -19.61 -3.85 -4.01
C GLY B 26 -18.10 -3.84 -3.84
N TYR B 27 -17.51 -5.01 -4.09
CA TYR B 27 -16.06 -5.26 -4.02
C TYR B 27 -15.45 -4.83 -2.70
N THR B 28 -14.16 -4.52 -2.71
CA THR B 28 -13.49 -3.90 -1.58
C THR B 28 -13.60 -2.39 -1.73
N PHE B 29 -14.03 -1.72 -0.67
CA PHE B 29 -14.27 -0.28 -0.75
C PHE B 29 -12.93 0.42 -0.50
N THR B 30 -12.90 1.75 -0.62
CA THR B 30 -11.68 2.58 -0.61
C THR B 30 -10.70 2.14 -1.69
N SER B 31 -11.23 1.65 -2.82
CA SER B 31 -10.41 1.16 -3.92
C SER B 31 -10.21 2.23 -4.99
N TYR B 32 -11.27 2.93 -5.36
CA TYR B 32 -11.20 3.95 -6.39
C TYR B 32 -11.22 5.35 -5.77
N ALA B 33 -10.44 6.25 -6.35
CA ALA B 33 -10.45 7.66 -5.95
C ALA B 33 -11.59 8.36 -6.70
N ILE B 34 -12.68 8.63 -5.97
CA ILE B 34 -13.94 9.02 -6.57
C ILE B 34 -13.84 10.43 -7.13
N SER B 35 -14.37 10.63 -8.33
CA SER B 35 -14.38 11.91 -9.02
C SER B 35 -15.78 12.13 -9.59
N TRP B 36 -15.96 13.22 -10.33
CA TRP B 36 -17.24 13.54 -10.96
C TRP B 36 -16.99 14.20 -12.31
N VAL B 37 -17.83 13.84 -13.29
CA VAL B 37 -17.71 14.32 -14.67
C VAL B 37 -19.08 14.81 -15.14
N ARG B 38 -19.09 15.99 -15.77
CA ARG B 38 -20.30 16.62 -16.29
C ARG B 38 -20.24 16.66 -17.81
N GLN B 39 -21.41 16.67 -18.45
CA GLN B 39 -21.51 16.97 -19.88
C GLN B 39 -22.84 17.66 -20.16
N ALA B 40 -22.91 18.32 -21.30
CA ALA B 40 -24.12 18.96 -21.79
C ALA B 40 -24.69 18.21 -22.99
N PRO B 41 -26.03 18.21 -23.17
CA PRO B 41 -26.61 17.47 -24.30
C PRO B 41 -26.26 18.10 -25.64
N GLY B 42 -25.48 17.38 -26.45
CA GLY B 42 -24.88 17.94 -27.64
C GLY B 42 -23.47 18.47 -27.44
N GLN B 43 -22.90 18.33 -26.25
CA GLN B 43 -21.56 18.80 -25.95
C GLN B 43 -20.79 17.70 -25.22
N GLY B 44 -19.47 17.88 -25.17
CA GLY B 44 -18.59 16.88 -24.61
C GLY B 44 -18.58 16.88 -23.09
N LEU B 45 -17.74 16.00 -22.54
CA LEU B 45 -17.58 15.83 -21.10
C LEU B 45 -16.72 16.95 -20.52
N GLU B 46 -16.95 17.26 -19.24
CA GLU B 46 -16.05 18.12 -18.49
C GLU B 46 -15.86 17.56 -17.07
N TRP B 47 -14.68 17.82 -16.51
CA TRP B 47 -14.26 17.28 -15.22
C TRP B 47 -14.25 18.37 -14.17
N MET B 48 -14.58 18.01 -12.93
CA MET B 48 -14.67 18.97 -11.84
C MET B 48 -13.61 18.73 -10.76
N GLY B 49 -13.57 17.54 -10.17
CA GLY B 49 -12.70 17.35 -9.02
C GLY B 49 -12.71 15.90 -8.56
N ARG B 50 -12.01 15.67 -7.45
CA ARG B 50 -11.71 14.34 -6.94
C ARG B 50 -11.95 14.30 -5.43
N ILE B 51 -12.50 13.20 -4.95
CA ILE B 51 -12.66 12.97 -3.51
C ILE B 51 -12.14 11.58 -3.15
N ILE B 52 -11.36 11.51 -2.09
CA ILE B 52 -10.90 10.25 -1.51
C ILE B 52 -11.47 10.14 -0.10
N PRO B 53 -12.15 9.05 0.25
CA PRO B 53 -12.69 8.93 1.61
C PRO B 53 -11.61 8.70 2.65
N ILE B 54 -10.41 8.30 2.24
CA ILE B 54 -9.33 8.08 3.18
C ILE B 54 -8.84 9.41 3.74
N LEU B 55 -8.71 10.42 2.88
CA LEU B 55 -8.18 11.72 3.27
C LEU B 55 -9.16 12.87 3.11
N GLY B 56 -9.92 12.91 2.02
CA GLY B 56 -10.82 14.03 1.78
C GLY B 56 -10.17 15.24 1.16
N ILE B 57 -9.06 15.06 0.45
CA ILE B 57 -8.32 16.18 -0.09
C ILE B 57 -9.10 16.79 -1.24
N ALA B 58 -9.25 18.11 -1.21
CA ALA B 58 -10.08 18.82 -2.18
C ALA B 58 -9.40 18.89 -3.54
N ASN B 59 -10.20 18.75 -4.59
CA ASN B 59 -9.75 18.96 -5.95
C ASN B 59 -10.84 19.69 -6.70
N TYR B 60 -10.47 20.73 -7.43
CA TYR B 60 -11.44 21.55 -8.16
C TYR B 60 -10.83 22.03 -9.47
N ALA B 61 -11.65 22.07 -10.51
CA ALA B 61 -11.22 22.46 -11.85
C ALA B 61 -11.45 23.95 -12.06
N GLN B 62 -11.11 24.41 -13.26
CA GLN B 62 -11.07 25.85 -13.55
C GLN B 62 -12.47 26.45 -13.60
N LYS B 63 -13.43 25.76 -14.20
CA LYS B 63 -14.76 26.33 -14.34
C LYS B 63 -15.54 26.35 -13.03
N PHE B 64 -15.05 25.68 -11.99
CA PHE B 64 -15.74 25.61 -10.71
C PHE B 64 -14.78 25.90 -9.57
N GLN B 65 -13.98 26.95 -9.70
CA GLN B 65 -13.01 27.32 -8.68
C GLN B 65 -13.73 27.96 -7.51
N GLY B 66 -13.92 27.19 -6.44
CA GLY B 66 -14.58 27.72 -5.26
C GLY B 66 -16.06 27.94 -5.40
N ARG B 67 -16.71 27.25 -6.33
CA ARG B 67 -18.14 27.42 -6.56
C ARG B 67 -18.93 26.20 -6.15
N VAL B 68 -18.63 25.04 -6.71
CA VAL B 68 -19.34 23.80 -6.38
C VAL B 68 -18.59 23.11 -5.26
N THR B 69 -19.31 22.35 -4.45
CA THR B 69 -18.74 21.71 -3.27
C THR B 69 -18.70 20.20 -3.47
N ILE B 70 -17.77 19.56 -2.75
CA ILE B 70 -17.61 18.12 -2.77
C ILE B 70 -17.70 17.62 -1.34
N THR B 71 -18.67 16.75 -1.08
CA THR B 71 -18.80 16.07 0.20
C THR B 71 -19.07 14.59 -0.03
N ALA B 72 -18.75 13.78 0.96
CA ALA B 72 -18.94 12.34 0.87
C ALA B 72 -19.07 11.75 2.27
N ASP B 73 -19.38 10.46 2.31
CA ASP B 73 -19.53 9.73 3.56
C ASP B 73 -19.14 8.29 3.30
N GLU B 74 -18.28 7.74 4.15
CA GLU B 74 -17.84 6.35 3.99
C GLU B 74 -18.94 5.38 4.39
N SER B 75 -19.63 5.67 5.51
CA SER B 75 -20.57 4.71 6.08
C SER B 75 -21.76 4.50 5.15
N THR B 76 -22.35 5.58 4.65
CA THR B 76 -23.39 5.45 3.64
C THR B 76 -22.81 5.10 2.28
N SER B 77 -21.50 5.30 2.09
CA SER B 77 -20.78 4.99 0.85
C SER B 77 -21.40 5.69 -0.35
N THR B 78 -21.53 7.01 -0.24
CA THR B 78 -22.20 7.82 -1.24
C THR B 78 -21.42 9.10 -1.47
N ALA B 79 -21.31 9.51 -2.72
CA ALA B 79 -20.73 10.79 -3.10
C ALA B 79 -21.84 11.84 -3.17
N TYR B 80 -21.48 13.08 -2.87
CA TYR B 80 -22.45 14.16 -2.80
C TYR B 80 -21.89 15.39 -3.51
N MET B 81 -22.68 15.96 -4.42
CA MET B 81 -22.32 17.16 -5.14
C MET B 81 -23.48 18.14 -5.07
N GLU B 82 -23.25 19.28 -4.43
CA GLU B 82 -24.28 20.28 -4.19
C GLU B 82 -23.90 21.59 -4.85
N LEU B 83 -24.90 22.33 -5.31
CA LEU B 83 -24.65 23.55 -6.05
C LEU B 83 -25.88 24.45 -5.96
N SER B 84 -25.63 25.76 -5.93
CA SER B 84 -26.67 26.78 -5.98
C SER B 84 -26.33 27.64 -7.20
N SER B 85 -26.92 27.30 -8.33
CA SER B 85 -26.55 27.93 -9.60
C SER B 85 -27.80 28.01 -10.47
N ARG B 86 -27.59 28.25 -11.76
CA ARG B 86 -28.67 28.56 -12.70
C ARG B 86 -29.30 27.28 -13.23
N SER B 87 -30.29 27.44 -14.12
CA SER B 87 -31.02 26.33 -14.70
C SER B 87 -30.45 25.85 -16.03
N GLU B 88 -29.46 26.54 -16.58
CA GLU B 88 -28.92 26.18 -17.88
C GLU B 88 -27.87 25.08 -17.82
N ASP B 89 -27.52 24.62 -16.62
CA ASP B 89 -26.51 23.60 -16.44
C ASP B 89 -27.11 22.22 -16.19
N THR B 90 -28.41 22.06 -16.33
CA THR B 90 -29.05 20.78 -16.05
C THR B 90 -28.84 19.80 -17.20
N ALA B 91 -28.55 18.55 -16.84
CA ALA B 91 -28.28 17.45 -17.77
C ALA B 91 -28.29 16.15 -16.99
N VAL B 92 -27.81 15.07 -17.62
CA VAL B 92 -27.64 13.81 -16.90
C VAL B 92 -26.52 13.96 -15.86
N TYR B 93 -26.66 13.25 -14.74
CA TYR B 93 -25.79 13.39 -13.57
C TYR B 93 -24.91 12.15 -13.46
N TYR B 94 -23.74 12.18 -14.10
CA TYR B 94 -22.82 11.04 -14.09
C TYR B 94 -21.80 11.21 -12.97
N CYS B 95 -21.73 10.21 -12.10
CA CYS B 95 -20.74 10.17 -11.03
C CYS B 95 -19.56 9.30 -11.46
N ALA B 96 -18.37 9.89 -11.46
CA ALA B 96 -17.19 9.21 -11.97
C ALA B 96 -16.54 8.34 -10.89
N SER B 97 -15.66 7.45 -11.35
CA SER B 97 -14.91 6.57 -10.48
C SER B 97 -13.50 6.47 -11.05
N GLY B 98 -12.77 5.44 -10.62
CA GLY B 98 -11.42 5.23 -11.12
C GLY B 98 -10.39 5.39 -10.02
N ALA B 99 -9.45 4.45 -9.96
CA ALA B 99 -8.48 4.40 -8.86
C ALA B 99 -7.23 5.19 -9.24
N PHE B 100 -6.88 6.16 -8.40
CA PHE B 100 -5.65 6.95 -8.60
C PHE B 100 -4.54 6.23 -7.85
N TYR B 101 -3.89 5.29 -8.55
CA TYR B 101 -2.78 4.55 -7.99
C TYR B 101 -1.58 5.46 -7.78
N TYR B 102 -0.63 4.96 -7.01
CA TYR B 102 0.58 5.71 -6.66
C TYR B 102 1.74 5.10 -7.41
N GLY B 103 2.40 5.90 -8.25
CA GLY B 103 3.43 5.38 -9.13
C GLY B 103 2.91 4.59 -10.30
N SER B 104 1.60 4.59 -10.53
CA SER B 104 0.99 3.83 -11.60
C SER B 104 -0.10 4.70 -12.22
N GLY B 105 -0.97 4.07 -13.01
CA GLY B 105 -1.97 4.81 -13.75
C GLY B 105 -3.00 5.47 -12.86
N SER B 106 -3.48 6.63 -13.31
CA SER B 106 -4.43 7.45 -12.57
C SER B 106 -5.65 7.76 -13.41
N TYR B 107 -6.10 6.78 -14.18
CA TYR B 107 -7.19 6.98 -15.13
C TYR B 107 -8.54 6.75 -14.44
N PRO B 108 -9.60 7.41 -14.90
CA PRO B 108 -10.94 6.94 -14.53
C PRO B 108 -11.26 5.69 -15.32
N PHE B 109 -11.17 4.52 -14.67
CA PHE B 109 -11.11 3.27 -15.39
C PHE B 109 -12.47 2.86 -15.92
N ASP B 110 -13.42 2.63 -15.02
CA ASP B 110 -14.70 2.04 -15.36
C ASP B 110 -15.69 2.40 -14.26
N TYR B 111 -16.86 1.74 -14.29
CA TYR B 111 -17.82 1.73 -13.19
C TYR B 111 -18.36 3.12 -12.88
N TRP B 112 -18.99 3.73 -13.88
CA TRP B 112 -19.66 5.00 -13.72
C TRP B 112 -21.17 4.78 -13.59
N GLY B 113 -21.91 5.87 -13.59
CA GLY B 113 -23.35 5.81 -13.54
C GLY B 113 -23.96 5.69 -14.92
N GLN B 114 -25.06 4.94 -14.98
CA GLN B 114 -25.82 4.77 -16.22
C GLN B 114 -26.85 5.87 -16.43
N GLY B 115 -26.97 6.80 -15.49
CA GLY B 115 -27.95 7.86 -15.62
C GLY B 115 -27.74 8.90 -14.54
N THR B 116 -28.80 9.65 -14.26
CA THR B 116 -28.76 10.71 -13.26
C THR B 116 -28.58 10.15 -11.85
N GLY C 1 -1.77 27.27 -19.00
CA GLY C 1 -1.73 26.27 -17.95
C GLY C 1 -2.51 25.01 -18.29
N ASP C 2 -3.82 25.15 -18.47
CA ASP C 2 -4.66 24.01 -18.77
C ASP C 2 -4.43 23.55 -20.21
N ILE C 3 -4.25 22.24 -20.38
CA ILE C 3 -4.06 21.66 -21.71
C ILE C 3 -5.36 21.77 -22.50
N GLN C 4 -5.23 21.92 -23.82
CA GLN C 4 -6.35 21.87 -24.73
C GLN C 4 -6.31 20.56 -25.51
N LEU C 5 -7.48 19.95 -25.69
CA LEU C 5 -7.60 18.66 -26.35
C LEU C 5 -8.48 18.79 -27.59
N THR C 6 -8.07 18.14 -28.67
CA THR C 6 -8.84 18.12 -29.91
C THR C 6 -8.94 16.70 -30.44
N GLN C 7 -9.99 16.43 -31.20
CA GLN C 7 -10.21 15.15 -31.85
C GLN C 7 -10.57 15.40 -33.31
N SER C 8 -9.88 14.71 -34.21
CA SER C 8 -10.05 14.90 -35.64
C SER C 8 -10.03 13.55 -36.35
N PRO C 9 -10.78 13.40 -37.45
CA PRO C 9 -11.79 14.34 -37.96
C PRO C 9 -13.13 14.21 -37.24
N SER C 10 -14.01 15.19 -37.42
CA SER C 10 -15.21 15.28 -36.59
C SER C 10 -16.20 14.17 -36.89
N SER C 11 -16.51 13.93 -38.17
CA SER C 11 -17.52 12.94 -38.53
C SER C 11 -16.96 12.01 -39.58
N LEU C 12 -17.25 10.72 -39.42
CA LEU C 12 -16.77 9.67 -40.31
C LEU C 12 -17.95 8.90 -40.89
N SER C 13 -17.88 8.62 -42.18
CA SER C 13 -18.83 7.75 -42.86
C SER C 13 -18.13 6.47 -43.23
N ALA C 14 -18.73 5.34 -42.88
CA ALA C 14 -18.08 4.05 -43.07
C ALA C 14 -19.11 2.98 -43.37
N SER C 15 -18.62 1.86 -43.90
CA SER C 15 -19.40 0.68 -44.23
C SER C 15 -18.79 -0.53 -43.52
N VAL C 16 -19.23 -1.72 -43.90
CA VAL C 16 -18.78 -2.94 -43.24
C VAL C 16 -17.34 -3.23 -43.62
N GLY C 17 -16.49 -3.41 -42.63
CA GLY C 17 -15.09 -3.76 -42.84
C GLY C 17 -14.25 -2.68 -43.50
N ASP C 18 -14.41 -1.43 -43.08
CA ASP C 18 -13.63 -0.33 -43.63
C ASP C 18 -12.39 -0.09 -42.77
N ARG C 19 -11.71 1.02 -43.02
CA ARG C 19 -10.54 1.44 -42.26
C ARG C 19 -10.78 2.85 -41.71
N VAL C 20 -10.67 2.99 -40.40
CA VAL C 20 -10.83 4.29 -39.75
C VAL C 20 -9.75 4.44 -38.68
N THR C 21 -9.17 5.64 -38.61
CA THR C 21 -8.15 5.97 -37.62
C THR C 21 -8.45 7.34 -37.05
N ILE C 22 -8.42 7.45 -35.72
CA ILE C 22 -8.68 8.71 -35.03
C ILE C 22 -7.38 9.49 -34.91
N THR C 23 -7.40 10.73 -35.39
CA THR C 23 -6.26 11.63 -35.24
C THR C 23 -6.53 12.54 -34.05
N CYS C 24 -5.97 12.20 -32.91
CA CYS C 24 -6.07 13.01 -31.71
C CYS C 24 -4.80 13.85 -31.57
N ARG C 25 -4.92 15.01 -30.94
CA ARG C 25 -3.79 15.90 -30.81
C ARG C 25 -3.97 16.80 -29.60
N ALA C 26 -2.86 17.37 -29.14
CA ALA C 26 -2.83 18.27 -28.00
C ALA C 26 -1.70 19.27 -28.20
N SER C 27 -1.32 19.96 -27.12
CA SER C 27 -0.28 20.98 -27.19
C SER C 27 0.80 20.76 -26.13
N GLN C 28 1.15 19.50 -25.87
CA GLN C 28 2.18 19.17 -24.89
C GLN C 28 2.73 17.80 -25.23
N ASP C 29 3.94 17.53 -24.73
CA ASP C 29 4.59 16.23 -24.93
C ASP C 29 3.90 15.22 -24.01
N ILE C 30 2.88 14.56 -24.54
CA ILE C 30 2.19 13.51 -23.80
C ILE C 30 2.99 12.22 -23.97
N SER C 31 3.72 11.84 -22.93
CA SER C 31 4.61 10.69 -22.97
C SER C 31 3.88 9.38 -23.25
N ASP C 32 3.02 8.96 -22.32
CA ASP C 32 2.31 7.69 -22.47
C ASP C 32 0.85 7.76 -22.07
N TYR C 33 0.44 8.68 -21.21
CA TYR C 33 -0.86 8.59 -20.54
C TYR C 33 -1.94 9.21 -21.42
N LEU C 34 -2.74 8.35 -22.05
CA LEU C 34 -3.93 8.77 -22.77
C LEU C 34 -4.91 7.61 -22.84
N ASN C 35 -6.20 7.92 -22.85
CA ASN C 35 -7.26 6.93 -22.85
C ASN C 35 -8.27 7.27 -23.94
N TRP C 36 -9.07 6.28 -24.31
CA TRP C 36 -10.12 6.44 -25.32
C TRP C 36 -11.40 5.77 -24.82
N TYR C 37 -12.54 6.28 -25.28
CA TYR C 37 -13.83 5.83 -24.80
C TYR C 37 -14.83 5.76 -25.95
N GLN C 38 -15.86 4.93 -25.75
CA GLN C 38 -16.92 4.73 -26.73
C GLN C 38 -18.25 5.16 -26.11
N GLN C 39 -19.02 5.96 -26.85
CA GLN C 39 -20.26 6.52 -26.33
C GLN C 39 -21.43 6.21 -27.24
N LYS C 40 -22.23 5.18 -26.88
CA LYS C 40 -23.55 5.20 -27.49
C LYS C 40 -24.48 6.09 -26.67
N PRO C 41 -25.50 6.71 -27.29
CA PRO C 41 -26.40 7.57 -26.52
C PRO C 41 -27.28 6.80 -25.54
N GLY C 42 -27.01 6.95 -24.25
CA GLY C 42 -27.79 6.28 -23.22
C GLY C 42 -26.97 5.57 -22.18
N LYS C 43 -25.66 5.82 -22.16
CA LYS C 43 -24.77 5.12 -21.24
C LYS C 43 -23.59 6.03 -20.90
N ALA C 44 -22.84 5.62 -19.87
CA ALA C 44 -21.55 6.22 -19.58
C ALA C 44 -20.52 5.70 -20.58
N PRO C 45 -19.55 6.54 -20.98
CA PRO C 45 -18.60 6.12 -22.03
C PRO C 45 -17.65 5.02 -21.58
N LYS C 46 -17.86 3.82 -22.10
CA LYS C 46 -17.06 2.67 -21.68
C LYS C 46 -15.66 2.72 -22.30
N LEU C 47 -14.74 2.03 -21.65
CA LEU C 47 -13.34 2.05 -22.07
C LEU C 47 -13.13 1.25 -23.35
N LEU C 48 -12.30 1.78 -24.24
CA LEU C 48 -11.81 1.04 -25.40
C LEU C 48 -10.34 0.65 -25.23
N ILE C 49 -9.46 1.62 -25.03
CA ILE C 49 -8.04 1.38 -24.85
C ILE C 49 -7.55 2.24 -23.69
N TYR C 50 -6.91 1.62 -22.71
CA TYR C 50 -6.32 2.34 -21.61
C TYR C 50 -4.82 2.49 -21.82
N ALA C 51 -4.27 3.58 -21.27
CA ALA C 51 -2.86 3.97 -21.32
C ALA C 51 -2.35 4.21 -22.74
N ALA C 52 -3.26 4.25 -23.74
CA ALA C 52 -3.00 4.50 -25.15
C ALA C 52 -2.14 3.43 -25.83
N SER C 53 -1.68 2.42 -25.08
CA SER C 53 -0.83 1.39 -25.64
C SER C 53 -1.11 0.01 -25.07
N SER C 54 -2.24 -0.19 -24.40
CA SER C 54 -2.50 -1.45 -23.73
C SER C 54 -3.97 -1.84 -23.92
N LEU C 55 -4.23 -3.13 -23.79
CA LEU C 55 -5.55 -3.70 -24.02
C LEU C 55 -6.20 -4.07 -22.69
N GLN C 56 -7.42 -3.57 -22.47
CA GLN C 56 -8.14 -3.81 -21.24
C GLN C 56 -8.83 -5.18 -21.29
N SER C 57 -8.81 -5.88 -20.16
CA SER C 57 -9.52 -7.16 -20.05
C SER C 57 -11.01 -6.95 -20.24
N GLY C 58 -11.61 -7.83 -21.04
CA GLY C 58 -12.97 -7.64 -21.51
C GLY C 58 -13.07 -7.09 -22.91
N VAL C 59 -11.96 -6.68 -23.49
CA VAL C 59 -11.88 -6.19 -24.86
C VAL C 59 -11.02 -7.15 -25.66
N PRO C 60 -11.49 -7.63 -26.82
CA PRO C 60 -10.68 -8.58 -27.61
C PRO C 60 -9.51 -7.89 -28.30
N SER C 61 -8.78 -8.66 -29.13
CA SER C 61 -7.69 -8.11 -29.93
C SER C 61 -8.17 -7.47 -31.23
N ARG C 62 -9.47 -7.19 -31.34
CA ARG C 62 -10.01 -6.46 -32.48
C ARG C 62 -9.50 -5.03 -32.51
N PHE C 63 -9.41 -4.40 -31.34
CA PHE C 63 -8.99 -3.01 -31.24
C PHE C 63 -7.50 -2.90 -30.97
N SER C 64 -6.90 -1.81 -31.41
CA SER C 64 -5.47 -1.60 -31.30
C SER C 64 -5.19 -0.14 -30.96
N GLY C 65 -4.04 0.09 -30.32
CA GLY C 65 -3.64 1.43 -29.94
C GLY C 65 -2.17 1.56 -29.58
N SER C 66 -1.57 2.68 -29.98
CA SER C 66 -0.15 2.94 -29.74
C SER C 66 0.05 4.45 -29.74
N GLY C 67 1.30 4.89 -29.83
CA GLY C 67 1.61 6.30 -29.96
C GLY C 67 2.39 6.88 -28.80
N SER C 68 3.25 7.86 -29.10
CA SER C 68 4.04 8.53 -28.08
C SER C 68 4.36 9.93 -28.55
N GLY C 69 4.72 10.79 -27.60
CA GLY C 69 5.10 12.15 -27.93
C GLY C 69 3.92 13.09 -28.04
N THR C 70 3.48 13.35 -29.26
CA THR C 70 2.33 14.22 -29.52
C THR C 70 1.28 13.55 -30.39
N ASP C 71 1.69 12.76 -31.38
CA ASP C 71 0.76 12.15 -32.33
C ASP C 71 0.40 10.74 -31.88
N PHE C 72 -0.89 10.43 -31.90
CA PHE C 72 -1.41 9.14 -31.46
C PHE C 72 -2.35 8.57 -32.52
N THR C 73 -2.38 7.24 -32.60
CA THR C 73 -3.13 6.54 -33.63
C THR C 73 -4.01 5.46 -33.01
N LEU C 74 -5.17 5.24 -33.63
CA LEU C 74 -6.17 4.31 -33.14
C LEU C 74 -6.63 3.42 -34.28
N THR C 75 -6.72 2.11 -34.02
CA THR C 75 -6.95 1.13 -35.07
C THR C 75 -8.04 0.15 -34.64
N ILE C 76 -9.02 -0.06 -35.53
CA ILE C 76 -10.03 -1.12 -35.38
C ILE C 76 -10.07 -1.90 -36.69
N SER C 77 -9.98 -3.21 -36.59
CA SER C 77 -10.04 -4.10 -37.75
C SER C 77 -11.38 -4.81 -37.77
N ASN C 78 -11.99 -4.91 -38.96
CA ASN C 78 -13.24 -5.64 -39.19
C ASN C 78 -14.36 -5.05 -38.32
N LEU C 79 -14.73 -3.82 -38.66
CA LEU C 79 -15.72 -3.05 -37.89
C LEU C 79 -17.07 -3.75 -37.88
N GLN C 80 -17.81 -3.52 -36.80
CA GLN C 80 -19.10 -4.14 -36.53
C GLN C 80 -20.14 -3.05 -36.27
N PRO C 81 -21.42 -3.36 -36.47
CA PRO C 81 -22.48 -2.36 -36.16
C PRO C 81 -22.55 -1.96 -34.69
N GLU C 82 -22.14 -2.81 -33.75
CA GLU C 82 -22.14 -2.41 -32.36
C GLU C 82 -21.01 -1.45 -32.02
N ASP C 83 -20.05 -1.26 -32.92
CA ASP C 83 -18.96 -0.31 -32.76
C ASP C 83 -19.31 1.08 -33.27
N PHE C 84 -20.49 1.24 -33.85
CA PHE C 84 -20.88 2.51 -34.49
C PHE C 84 -21.50 3.42 -33.42
N ALA C 85 -20.63 4.18 -32.77
CA ALA C 85 -21.06 5.13 -31.75
C ALA C 85 -20.05 6.28 -31.72
N THR C 86 -20.16 7.12 -30.70
CA THR C 86 -19.36 8.34 -30.62
C THR C 86 -18.10 8.08 -29.79
N TYR C 87 -16.98 8.57 -30.28
CA TYR C 87 -15.68 8.33 -29.68
C TYR C 87 -15.26 9.50 -28.79
N TYR C 88 -14.20 9.27 -28.01
CA TYR C 88 -13.70 10.26 -27.07
C TYR C 88 -12.19 10.13 -26.92
N CYS C 89 -11.51 11.27 -26.76
CA CYS C 89 -10.13 11.31 -26.33
C CYS C 89 -10.05 11.61 -24.83
N GLN C 90 -8.99 11.10 -24.20
CA GLN C 90 -8.83 11.25 -22.75
C GLN C 90 -7.34 11.20 -22.42
N GLN C 91 -6.72 12.37 -22.31
CA GLN C 91 -5.31 12.42 -21.91
C GLN C 91 -5.22 12.40 -20.39
N SER C 92 -4.08 11.91 -19.88
CA SER C 92 -3.85 11.89 -18.45
C SER C 92 -2.41 12.26 -18.12
N TYR C 93 -1.86 13.23 -18.85
CA TYR C 93 -0.54 13.73 -18.49
C TYR C 93 -0.58 14.56 -17.22
N SER C 94 -1.58 15.42 -17.07
CA SER C 94 -1.69 16.29 -15.92
C SER C 94 -3.16 16.65 -15.73
N ALA C 95 -3.43 17.67 -14.92
CA ALA C 95 -4.75 18.19 -14.66
C ALA C 95 -4.87 19.60 -15.25
N PRO C 96 -6.08 20.02 -15.65
CA PRO C 96 -7.41 19.39 -15.61
C PRO C 96 -7.61 18.26 -16.61
N ARG C 97 -8.58 17.39 -16.29
CA ARG C 97 -8.90 16.27 -17.16
C ARG C 97 -9.68 16.77 -18.36
N THR C 98 -9.06 16.73 -19.53
CA THR C 98 -9.69 17.22 -20.75
C THR C 98 -10.30 16.06 -21.53
N PHE C 99 -11.20 16.43 -22.44
CA PHE C 99 -12.09 15.46 -23.07
C PHE C 99 -12.16 15.77 -24.55
N GLY C 100 -12.44 14.74 -25.35
CA GLY C 100 -12.61 14.94 -26.78
C GLY C 100 -13.92 15.60 -27.13
N GLN C 101 -13.97 16.16 -28.33
CA GLN C 101 -15.19 16.79 -28.82
C GLN C 101 -16.17 15.79 -29.41
N GLY C 102 -15.77 14.54 -29.59
CA GLY C 102 -16.67 13.54 -30.11
C GLY C 102 -16.43 13.24 -31.58
N THR C 103 -16.59 11.98 -31.94
CA THR C 103 -16.42 11.54 -33.32
C THR C 103 -17.42 10.43 -33.58
N LYS C 104 -18.37 10.67 -34.48
CA LYS C 104 -19.46 9.75 -34.74
C LYS C 104 -19.26 9.06 -36.07
N VAL C 105 -19.37 7.73 -36.06
CA VAL C 105 -19.30 6.91 -37.26
C VAL C 105 -20.67 6.29 -37.48
N GLU C 106 -21.25 6.52 -38.66
CA GLU C 106 -22.61 6.10 -38.95
C GLU C 106 -22.64 5.35 -40.28
N ILE C 107 -23.48 4.32 -40.34
CA ILE C 107 -23.47 3.40 -41.48
C ILE C 107 -24.11 4.06 -42.69
N LYS C 108 -23.50 3.85 -43.86
CA LYS C 108 -24.03 4.40 -45.10
C LYS C 108 -25.35 3.74 -45.50
N GLU D 1 18.07 -7.74 -3.55
CA GLU D 1 19.46 -8.19 -3.65
C GLU D 1 19.65 -9.50 -2.91
N GLU D 2 19.60 -9.44 -1.59
CA GLU D 2 19.85 -10.60 -0.75
C GLU D 2 18.67 -11.56 -0.83
N GLN D 3 18.62 -12.36 -1.89
CA GLN D 3 17.51 -13.28 -2.12
C GLN D 3 17.60 -14.48 -1.19
N LEU D 4 16.46 -14.91 -0.67
CA LEU D 4 16.34 -16.12 0.12
C LEU D 4 15.17 -16.93 -0.44
N VAL D 5 15.50 -17.93 -1.26
CA VAL D 5 14.53 -18.89 -1.77
C VAL D 5 14.98 -20.29 -1.33
N GLU D 6 14.06 -21.03 -0.73
CA GLU D 6 14.37 -22.32 -0.14
C GLU D 6 13.68 -23.46 -0.89
N SER D 7 14.31 -24.63 -0.84
CA SER D 7 13.81 -25.82 -1.51
C SER D 7 14.32 -27.05 -0.79
N GLY D 8 13.62 -28.16 -0.98
CA GLY D 8 14.05 -29.43 -0.42
C GLY D 8 13.04 -30.08 0.50
N GLY D 9 11.80 -29.59 0.48
CA GLY D 9 10.75 -30.10 1.34
C GLY D 9 9.51 -30.48 0.56
N GLY D 10 8.52 -30.93 1.29
CA GLY D 10 7.26 -31.35 0.71
C GLY D 10 6.63 -32.46 1.54
N LEU D 11 5.87 -33.30 0.85
CA LEU D 11 5.21 -34.42 1.51
C LEU D 11 6.21 -35.50 1.91
N VAL D 12 5.93 -36.15 3.04
CA VAL D 12 6.80 -37.19 3.57
C VAL D 12 5.97 -38.04 4.52
N GLN D 13 6.40 -39.30 4.70
CA GLN D 13 5.74 -40.29 5.54
C GLN D 13 6.22 -40.15 6.98
N PRO D 14 5.47 -40.71 7.94
CA PRO D 14 5.96 -40.77 9.33
C PRO D 14 7.28 -41.52 9.44
N GLY D 15 8.18 -40.96 10.24
CA GLY D 15 9.54 -41.49 10.32
C GLY D 15 10.42 -41.11 9.16
N GLY D 16 9.97 -40.21 8.29
CA GLY D 16 10.70 -39.86 7.09
C GLY D 16 11.86 -38.93 7.37
N SER D 17 12.44 -38.43 6.29
CA SER D 17 13.59 -37.53 6.39
C SER D 17 13.64 -36.66 5.14
N LEU D 18 13.83 -35.36 5.34
CA LEU D 18 13.90 -34.40 4.24
C LEU D 18 15.13 -33.52 4.40
N ARG D 19 15.67 -33.06 3.28
CA ARG D 19 16.88 -32.23 3.26
C ARG D 19 16.54 -30.92 2.55
N LEU D 20 16.36 -29.85 3.31
CA LEU D 20 16.04 -28.54 2.76
C LEU D 20 17.32 -27.78 2.43
N SER D 21 17.18 -26.73 1.63
CA SER D 21 18.30 -25.89 1.23
C SER D 21 17.77 -24.56 0.72
N CYS D 22 18.28 -23.46 1.25
CA CYS D 22 18.03 -22.14 0.70
C CYS D 22 19.35 -21.57 0.19
N ALA D 23 19.37 -21.18 -1.08
CA ALA D 23 20.58 -20.68 -1.74
C ALA D 23 20.50 -19.16 -1.82
N ALA D 24 21.31 -18.49 -1.00
CA ALA D 24 21.40 -17.04 -0.99
C ALA D 24 22.66 -16.58 -1.72
N SER D 25 22.64 -15.32 -2.15
CA SER D 25 23.75 -14.78 -2.94
C SER D 25 23.82 -13.28 -2.74
N GLY D 26 24.99 -12.72 -3.02
CA GLY D 26 25.24 -11.30 -2.89
C GLY D 26 25.99 -10.89 -1.64
N PHE D 27 26.24 -11.81 -0.71
CA PHE D 27 26.87 -11.47 0.55
C PHE D 27 27.56 -12.71 1.12
N ARG D 28 28.46 -12.46 2.07
CA ARG D 28 29.31 -13.51 2.62
C ARG D 28 28.51 -14.47 3.50
N PHE D 29 29.14 -15.60 3.80
CA PHE D 29 28.52 -16.69 4.55
C PHE D 29 29.08 -16.84 5.96
N GLY D 30 30.38 -16.60 6.14
CA GLY D 30 31.05 -16.99 7.37
C GLY D 30 30.62 -16.19 8.59
N SER D 31 30.47 -14.87 8.43
CA SER D 31 30.32 -13.97 9.57
C SER D 31 28.86 -13.73 9.95
N TYR D 32 27.90 -14.39 9.31
CA TYR D 32 26.49 -14.06 9.49
C TYR D 32 25.74 -15.24 10.09
N TYR D 33 24.93 -14.95 11.10
CA TYR D 33 24.00 -15.92 11.66
C TYR D 33 22.87 -16.16 10.67
N MET D 34 22.48 -17.43 10.49
CA MET D 34 21.35 -17.80 9.62
C MET D 34 20.61 -18.98 10.24
N SER D 35 19.50 -18.68 10.92
CA SER D 35 18.74 -19.68 11.65
C SER D 35 17.64 -20.31 10.79
N TRP D 36 17.07 -21.40 11.30
CA TRP D 36 15.87 -22.02 10.78
C TRP D 36 14.68 -21.67 11.66
N VAL D 37 13.55 -21.34 11.03
CA VAL D 37 12.35 -20.94 11.76
C VAL D 37 11.15 -21.68 11.19
N ARG D 38 10.13 -21.87 12.02
CA ARG D 38 8.91 -22.56 11.65
C ARG D 38 7.71 -21.66 11.85
N GLN D 39 6.69 -21.86 11.02
CA GLN D 39 5.43 -21.11 11.12
C GLN D 39 4.26 -22.06 10.87
N ALA D 40 3.56 -22.41 11.94
CA ALA D 40 2.40 -23.29 11.85
C ALA D 40 1.17 -22.49 11.44
N PRO D 41 0.10 -23.16 11.02
CA PRO D 41 -1.20 -22.49 10.95
C PRO D 41 -1.61 -21.98 12.32
N GLY D 42 -2.15 -20.76 12.34
CA GLY D 42 -2.33 -20.02 13.57
C GLY D 42 -1.22 -19.05 13.88
N LYS D 43 -0.30 -18.83 12.95
CA LYS D 43 0.83 -17.88 13.01
C LYS D 43 1.72 -18.28 14.20
N ALA D 44 2.22 -17.31 14.97
CA ALA D 44 3.13 -17.48 16.10
C ALA D 44 4.40 -18.20 15.67
N PRO D 45 5.30 -17.54 14.94
CA PRO D 45 6.53 -18.20 14.50
C PRO D 45 7.40 -18.66 15.67
N GLU D 46 7.99 -19.84 15.52
CA GLU D 46 8.69 -20.52 16.61
C GLU D 46 10.06 -20.96 16.11
N TRP D 47 11.11 -20.46 16.74
CA TRP D 47 12.47 -20.80 16.38
C TRP D 47 12.76 -22.25 16.73
N VAL D 48 13.58 -22.92 15.91
CA VAL D 48 13.96 -24.31 16.14
C VAL D 48 15.47 -24.47 16.30
N SER D 49 16.28 -23.78 15.50
CA SER D 49 17.72 -23.99 15.52
C SER D 49 18.41 -22.76 14.98
N ASP D 50 19.71 -22.65 15.26
CA ASP D 50 20.50 -21.51 14.78
C ASP D 50 21.97 -21.90 14.74
N ILE D 51 22.53 -22.00 13.53
CA ILE D 51 23.96 -22.26 13.36
C ILE D 51 24.77 -21.09 13.90
N ASN D 52 25.95 -21.40 14.42
CA ASN D 52 26.92 -20.36 14.76
C ASN D 52 27.54 -19.77 13.49
N THR D 53 28.18 -18.61 13.64
CA THR D 53 29.07 -18.12 12.60
C THR D 53 30.28 -19.01 12.43
N ARG D 54 30.64 -19.79 13.46
CA ARG D 54 31.71 -20.78 13.38
C ARG D 54 31.20 -22.06 12.75
N GLY D 55 31.98 -23.14 12.88
CA GLY D 55 31.76 -24.35 12.11
C GLY D 55 30.43 -25.06 12.28
N GLU D 56 30.19 -25.68 13.44
CA GLU D 56 29.02 -26.55 13.54
C GLU D 56 28.31 -26.48 14.89
N THR D 57 28.77 -25.64 15.83
CA THR D 57 28.05 -25.55 17.10
C THR D 57 26.71 -24.83 16.91
N THR D 58 25.65 -25.43 17.45
CA THR D 58 24.29 -25.05 17.12
C THR D 58 23.41 -25.35 18.34
N ARG D 59 22.50 -24.43 18.63
CA ARG D 59 21.52 -24.62 19.70
C ARG D 59 20.18 -24.98 19.06
N TYR D 60 19.53 -26.01 19.62
CA TYR D 60 18.26 -26.50 19.11
C TYR D 60 17.15 -26.26 20.13
N SER D 61 15.92 -26.18 19.63
CA SER D 61 14.77 -26.09 20.51
C SER D 61 14.53 -27.43 21.19
N ASP D 62 13.83 -27.39 22.33
CA ASP D 62 13.70 -28.57 23.18
C ASP D 62 12.83 -29.64 22.53
N SER D 63 11.94 -29.26 21.62
CA SER D 63 11.18 -30.26 20.88
C SER D 63 12.05 -31.02 19.89
N VAL D 64 13.13 -30.40 19.39
CA VAL D 64 14.01 -31.02 18.41
C VAL D 64 15.41 -31.29 18.97
N LYS D 65 15.66 -30.92 20.24
CA LYS D 65 16.96 -31.17 20.84
C LYS D 65 17.22 -32.66 20.98
N GLY D 66 18.34 -33.12 20.42
CA GLY D 66 18.64 -34.52 20.34
C GLY D 66 17.96 -35.25 19.19
N ARG D 67 17.19 -34.55 18.36
CA ARG D 67 16.54 -35.18 17.21
C ARG D 67 17.00 -34.57 15.90
N PHE D 68 16.90 -33.26 15.72
CA PHE D 68 17.12 -32.62 14.44
C PHE D 68 18.37 -31.75 14.50
N THR D 69 19.12 -31.72 13.39
CA THR D 69 20.40 -31.02 13.35
C THR D 69 20.48 -30.16 12.10
N ILE D 70 21.51 -29.32 12.07
CA ILE D 70 21.76 -28.42 10.97
C ILE D 70 23.05 -28.86 10.27
N ALA D 71 23.32 -28.27 9.10
CA ALA D 71 24.60 -28.44 8.44
C ALA D 71 25.06 -27.13 7.82
N ARG D 72 26.34 -26.82 7.99
CA ARG D 72 26.93 -25.58 7.51
C ARG D 72 27.65 -25.81 6.18
N ASP D 73 27.53 -24.85 5.28
CA ASP D 73 28.23 -24.93 4.00
C ASP D 73 28.58 -23.50 3.58
N ASN D 74 29.84 -23.11 3.80
CA ASN D 74 30.26 -21.75 3.48
C ASN D 74 30.40 -21.56 1.98
N ALA D 75 31.02 -22.52 1.28
CA ALA D 75 31.33 -22.35 -0.13
C ALA D 75 30.12 -22.51 -1.03
N ASN D 76 29.18 -23.38 -0.67
CA ASN D 76 28.04 -23.67 -1.54
C ASN D 76 26.93 -22.63 -1.44
N ASN D 77 27.06 -21.65 -0.53
CA ASN D 77 26.08 -20.57 -0.33
C ASN D 77 24.70 -21.11 -0.01
N THR D 78 24.63 -22.19 0.78
CA THR D 78 23.36 -22.77 1.17
C THR D 78 23.52 -23.45 2.52
N VAL D 79 22.38 -23.66 3.19
CA VAL D 79 22.32 -24.28 4.51
C VAL D 79 21.48 -25.55 4.40
N PHE D 80 21.97 -26.62 5.01
CA PHE D 80 21.29 -27.91 5.00
C PHE D 80 20.71 -28.21 6.37
N LEU D 81 19.84 -29.22 6.40
CA LEU D 81 19.16 -29.63 7.62
C LEU D 81 18.79 -31.11 7.52
N PHE D 82 18.52 -31.70 8.69
CA PHE D 82 18.37 -33.14 8.81
C PHE D 82 17.27 -33.46 9.82
N MET D 83 16.36 -34.37 9.45
CA MET D 83 15.37 -34.91 10.37
C MET D 83 15.48 -36.42 10.47
N ASN D 84 15.14 -36.94 11.65
CA ASN D 84 14.96 -38.36 11.88
C ASN D 84 13.79 -38.54 12.83
N ARG D 85 12.96 -39.56 12.56
CA ARG D 85 11.78 -39.91 13.38
C ARG D 85 10.80 -38.73 13.46
N LEU D 86 10.19 -38.44 12.32
CA LEU D 86 9.25 -37.33 12.22
C LEU D 86 7.96 -37.60 12.99
N LYS D 87 7.33 -36.53 13.45
CA LYS D 87 6.04 -36.53 14.10
C LYS D 87 5.02 -35.80 13.23
N PRO D 88 3.74 -36.19 13.28
CA PRO D 88 2.74 -35.52 12.44
C PRO D 88 2.47 -34.07 12.81
N GLU D 89 2.86 -33.64 14.01
CA GLU D 89 2.64 -32.27 14.45
C GLU D 89 3.74 -31.32 14.01
N ASP D 90 4.76 -31.79 13.32
CA ASP D 90 5.84 -30.95 12.83
C ASP D 90 5.54 -30.31 11.47
N THR D 91 4.26 -30.18 11.11
CA THR D 91 3.88 -29.59 9.83
C THR D 91 3.90 -28.07 9.95
N ALA D 92 4.87 -27.43 9.28
CA ALA D 92 4.94 -25.97 9.22
C ALA D 92 5.79 -25.57 8.03
N VAL D 93 5.64 -24.32 7.62
CA VAL D 93 6.44 -23.76 6.53
C VAL D 93 7.80 -23.33 7.07
N TYR D 94 8.85 -23.59 6.29
CA TYR D 94 10.23 -23.47 6.75
C TYR D 94 10.92 -22.32 6.03
N TYR D 95 11.68 -21.52 6.78
CA TYR D 95 12.43 -20.39 6.25
C TYR D 95 13.84 -20.38 6.86
N CYS D 96 14.77 -19.76 6.15
CA CYS D 96 16.04 -19.37 6.74
C CYS D 96 16.04 -17.90 7.14
N ALA D 97 17.01 -17.51 7.95
CA ALA D 97 17.06 -16.18 8.54
C ALA D 97 18.37 -15.48 8.17
N VAL D 98 18.60 -14.33 8.80
CA VAL D 98 19.78 -13.51 8.56
C VAL D 98 20.32 -13.08 9.93
N ALA D 99 21.34 -12.21 9.96
CA ALA D 99 22.24 -12.07 11.10
C ALA D 99 21.55 -11.48 12.33
N ALA D 100 22.27 -11.53 13.46
CA ALA D 100 21.74 -11.12 14.76
C ALA D 100 22.78 -10.34 15.53
N SER D 101 22.32 -9.65 16.58
CA SER D 101 23.10 -8.76 17.43
C SER D 101 23.78 -7.64 16.66
N GLY D 102 25.00 -7.91 16.19
CA GLY D 102 25.82 -6.85 15.65
C GLY D 102 26.53 -6.12 16.77
N ASP D 103 27.12 -6.91 17.67
CA ASP D 103 27.84 -6.45 18.87
C ASP D 103 26.94 -5.64 19.81
N THR D 104 25.63 -5.83 19.72
CA THR D 104 24.61 -5.24 20.57
C THR D 104 24.08 -6.29 21.55
N PHE D 105 22.99 -5.95 22.23
CA PHE D 105 22.46 -6.80 23.29
C PHE D 105 21.56 -7.90 22.74
N GLU D 106 21.19 -8.82 23.65
CA GLU D 106 20.35 -9.97 23.35
C GLU D 106 18.89 -9.61 23.61
N GLY D 107 18.02 -10.62 23.68
CA GLY D 107 16.60 -10.39 23.90
C GLY D 107 15.74 -10.94 22.78
N ARG D 108 16.19 -12.05 22.19
CA ARG D 108 15.56 -12.65 21.01
C ARG D 108 15.49 -11.64 19.87
N SER D 109 16.67 -11.22 19.42
CA SER D 109 16.79 -10.32 18.28
C SER D 109 16.16 -10.98 17.05
N ASP D 110 15.37 -10.21 16.31
CA ASP D 110 14.61 -10.78 15.21
C ASP D 110 15.25 -10.39 13.87
N PRO D 111 15.71 -11.36 13.09
CA PRO D 111 16.22 -11.07 11.75
C PRO D 111 15.11 -10.62 10.81
N ASP D 112 15.48 -9.85 9.79
CA ASP D 112 14.50 -9.34 8.84
C ASP D 112 14.41 -10.18 7.58
N TYR D 113 15.53 -10.38 6.87
CA TYR D 113 15.50 -11.08 5.59
C TYR D 113 15.29 -12.57 5.84
N TRP D 114 14.07 -13.05 5.57
CA TRP D 114 13.76 -14.47 5.62
C TRP D 114 13.42 -14.98 4.23
N GLY D 115 13.01 -16.25 4.17
CA GLY D 115 12.91 -16.97 2.91
C GLY D 115 11.61 -16.76 2.17
N GLN D 116 11.50 -17.44 1.03
CA GLN D 116 10.28 -17.39 0.24
C GLN D 116 9.15 -18.17 0.91
N GLY D 117 9.45 -19.39 1.37
CA GLY D 117 8.48 -20.24 2.02
C GLY D 117 8.38 -21.61 1.39
N THR D 118 8.61 -22.65 2.17
CA THR D 118 8.47 -24.03 1.71
C THR D 118 7.59 -24.79 2.68
N LEU D 119 6.46 -25.30 2.18
CA LEU D 119 5.54 -26.09 2.99
C LEU D 119 6.08 -27.51 3.14
N VAL D 120 5.92 -28.05 4.35
CA VAL D 120 6.35 -29.41 4.67
C VAL D 120 5.22 -30.09 5.42
N THR D 121 4.74 -31.22 4.89
CA THR D 121 3.66 -32.00 5.50
C THR D 121 4.15 -33.43 5.74
N VAL D 122 3.96 -33.91 6.97
CA VAL D 122 4.27 -35.29 7.33
C VAL D 122 2.95 -36.07 7.30
N SER D 123 2.87 -37.05 6.42
CA SER D 123 1.66 -37.86 6.25
C SER D 123 1.98 -39.23 5.67
#